data_3OQV
#
_entry.id   3OQV
#
_cell.length_a   97.170
_cell.length_b   97.170
_cell.length_c   45.460
_cell.angle_alpha   90.00
_cell.angle_beta   90.00
_cell.angle_gamma   90.00
#
_symmetry.space_group_name_H-M   'I 4'
#
loop_
_entity.id
_entity.type
_entity.pdbx_description
1 polymer AlbC
2 non-polymer 'DITHIANE DIOL'
3 non-polymer 'PHOSPHATE ION'
4 water water
#
_entity_poly.entity_id   1
_entity_poly.type   'polypeptide(L)'
_entity_poly.pdbx_seq_one_letter_code
;GLAGLVPAPDHGMREEILGDRSRLIRQRGEHALIGISAGNSYFSQKNTVMLLQWAGQRFERTDVVYVDTHIDEMLIADGR
SAQEAERSVKRTLKDLRRRLRRSLESVGDHAERFRVRSLSELQETPEYRAVRERTDRAFEEDAEFATACEDMVRAVVMNR
PGDGVGISAEHLRAGLNYVLAEAPLFADSPGVFSVPSSVLCYHIDTPITAFLSRRETGFRAAEGQAYVVVRPQELADAAR
SHHHHHH
;
_entity_poly.pdbx_strand_id   A
#
# COMPACT_ATOMS: atom_id res chain seq x y z
N ARG A 28 12.33 -19.16 2.47
CA ARG A 28 13.02 -19.49 1.19
C ARG A 28 12.93 -18.34 0.19
N GLY A 29 11.79 -17.65 0.15
CA GLY A 29 11.62 -16.48 -0.73
C GLY A 29 12.53 -15.33 -0.33
N GLU A 30 12.75 -14.39 -1.24
CA GLU A 30 13.66 -13.27 -0.98
C GLU A 30 13.00 -12.20 -0.10
N HIS A 31 11.97 -11.55 -0.66
CA HIS A 31 11.45 -10.34 -0.04
C HIS A 31 9.93 -10.31 -0.19
N ALA A 32 9.24 -9.94 0.88
CA ALA A 32 7.83 -9.61 0.80
C ALA A 32 7.57 -8.18 1.22
N LEU A 33 6.59 -7.58 0.58
CA LEU A 33 6.05 -6.29 1.03
C LEU A 33 4.61 -6.47 1.53
N ILE A 34 4.37 -6.01 2.75
CA ILE A 34 3.01 -5.91 3.29
C ILE A 34 2.62 -4.44 3.42
N GLY A 35 1.78 -3.98 2.51
CA GLY A 35 1.35 -2.59 2.49
C GLY A 35 0.04 -2.49 3.25
N ILE A 36 -0.04 -1.53 4.17
CA ILE A 36 -1.18 -1.40 5.06
C ILE A 36 -1.78 -0.02 4.87
N SER A 37 -2.94 0.06 4.23
CA SER A 37 -3.61 1.32 4.06
C SER A 37 -4.45 1.62 5.29
N ALA A 38 -4.66 2.90 5.57
CA ALA A 38 -5.51 3.30 6.67
C ALA A 38 -6.95 2.87 6.41
N GLY A 39 -7.29 2.64 5.14
CA GLY A 39 -8.61 2.13 4.77
C GLY A 39 -8.85 0.66 5.10
N ASN A 40 -7.83 -0.17 4.87
CA ASN A 40 -8.05 -1.59 4.55
C ASN A 40 -8.43 -2.42 5.77
N SER A 41 -9.71 -2.74 5.92
CA SER A 41 -10.20 -3.27 7.19
C SER A 41 -9.80 -4.73 7.40
N TYR A 42 -9.19 -5.32 6.37
CA TYR A 42 -8.51 -6.59 6.52
C TYR A 42 -7.54 -6.57 7.68
N PHE A 43 -6.90 -5.43 7.89
CA PHE A 43 -5.79 -5.33 8.85
C PHE A 43 -6.26 -5.00 10.27
N SER A 44 -7.08 -5.90 10.81
CA SER A 44 -7.19 -6.10 12.25
C SER A 44 -5.88 -6.63 12.83
N GLN A 45 -5.74 -6.54 14.15
CA GLN A 45 -4.61 -7.17 14.82
C GLN A 45 -4.53 -8.66 14.50
N LYS A 46 -5.65 -9.35 14.64
CA LYS A 46 -5.69 -10.79 14.35
C LYS A 46 -5.14 -11.10 12.97
N ASN A 47 -5.62 -10.38 11.96
CA ASN A 47 -5.21 -10.64 10.59
C ASN A 47 -3.77 -10.22 10.30
N THR A 48 -3.35 -9.12 10.95
CA THR A 48 -1.97 -8.66 10.83
C THR A 48 -1.00 -9.69 11.37
N VAL A 49 -1.30 -10.22 12.56
CA VAL A 49 -0.44 -11.20 13.19
C VAL A 49 -0.24 -12.44 12.33
N MET A 50 -1.35 -12.98 11.80
CA MET A 50 -1.26 -14.17 10.96
C MET A 50 -0.44 -13.92 9.70
N LEU A 51 -0.63 -12.73 9.10
CA LEU A 51 0.09 -12.37 7.89
C LEU A 51 1.59 -12.20 8.15
N LEU A 52 1.93 -11.50 9.24
CA LEU A 52 3.32 -11.36 9.66
C LEU A 52 3.98 -12.72 9.87
N GLN A 53 3.27 -13.64 10.52
CA GLN A 53 3.82 -14.95 10.80
C GLN A 53 4.02 -15.72 9.50
N TRP A 54 3.01 -15.67 8.64
CA TRP A 54 3.08 -16.29 7.33
C TRP A 54 4.30 -15.81 6.56
N ALA A 55 4.52 -14.50 6.54
CA ALA A 55 5.62 -13.92 5.78
C ALA A 55 6.96 -14.21 6.44
N GLY A 56 6.99 -14.09 7.77
CA GLY A 56 8.18 -14.43 8.54
C GLY A 56 8.69 -15.84 8.28
N GLN A 57 7.81 -16.73 7.85
CA GLN A 57 8.21 -18.11 7.58
C GLN A 57 8.66 -18.33 6.15
N ARG A 58 8.25 -17.44 5.24
CA ARG A 58 8.40 -17.70 3.82
C ARG A 58 9.46 -16.81 3.17
N PHE A 59 9.84 -15.73 3.85
CA PHE A 59 10.67 -14.69 3.22
C PHE A 59 11.85 -14.30 4.11
N GLU A 60 13.00 -14.14 3.49
CA GLU A 60 14.22 -13.68 4.15
C GLU A 60 14.07 -12.28 4.74
N ARG A 61 13.45 -11.38 3.98
CA ARG A 61 13.21 -10.02 4.44
C ARG A 61 11.75 -9.63 4.19
N THR A 62 11.22 -8.79 5.05
CA THR A 62 9.84 -8.30 4.84
C THR A 62 9.80 -6.83 5.20
N ASP A 63 9.29 -6.00 4.27
CA ASP A 63 8.98 -4.63 4.62
C ASP A 63 7.49 -4.45 4.88
N VAL A 64 7.17 -3.73 5.94
CA VAL A 64 5.80 -3.35 6.22
C VAL A 64 5.70 -1.84 6.06
N VAL A 65 4.86 -1.40 5.14
CA VAL A 65 4.74 0.01 4.86
C VAL A 65 3.29 0.40 5.10
N TYR A 66 3.10 1.33 6.02
CA TYR A 66 1.77 1.87 6.21
C TYR A 66 1.60 3.23 5.54
N VAL A 67 0.48 3.40 4.86
CA VAL A 67 0.32 4.53 3.94
C VAL A 67 -0.29 5.72 4.69
N ASP A 68 0.54 6.71 4.97
CA ASP A 68 0.16 7.82 5.82
C ASP A 68 0.02 9.10 4.99
N THR A 69 0.15 8.97 3.67
CA THR A 69 0.32 10.14 2.80
C THR A 69 -0.95 10.44 2.02
N HIS A 70 -1.25 11.72 1.86
CA HIS A 70 -2.29 12.19 0.93
C HIS A 70 -3.71 11.91 1.40
N ILE A 71 -3.86 11.35 2.60
CA ILE A 71 -5.18 11.01 3.12
C ILE A 71 -6.01 12.27 3.36
N ASP A 72 -5.35 13.32 3.84
CA ASP A 72 -6.07 14.56 4.19
C ASP A 72 -6.76 15.18 2.98
N GLU A 73 -6.14 15.08 1.80
CA GLU A 73 -6.72 15.61 0.58
C GLU A 73 -8.07 14.96 0.24
N MET A 74 -8.24 13.70 0.62
CA MET A 74 -9.47 12.99 0.34
C MET A 74 -10.55 13.45 1.29
N LEU A 75 -10.19 13.68 2.55
CA LEU A 75 -11.13 14.19 3.53
C LEU A 75 -11.58 15.60 3.16
N ILE A 76 -10.67 16.39 2.62
CA ILE A 76 -10.99 17.71 2.13
C ILE A 76 -11.94 17.68 0.93
N ALA A 77 -11.65 16.82 -0.05
CA ALA A 77 -12.62 16.49 -1.09
C ALA A 77 -14.02 16.20 -0.55
N ASP A 78 -14.09 15.50 0.57
CA ASP A 78 -15.38 15.10 1.14
C ASP A 78 -16.09 16.29 1.77
N GLY A 79 -15.33 17.32 2.11
CA GLY A 79 -15.91 18.58 2.55
C GLY A 79 -15.51 18.98 3.96
N ARG A 80 -14.50 18.32 4.51
CA ARG A 80 -13.94 18.74 5.79
C ARG A 80 -12.95 19.89 5.58
N SER A 81 -12.89 20.77 6.56
CA SER A 81 -11.85 21.80 6.62
C SER A 81 -10.46 21.16 6.71
N ALA A 82 -9.44 21.98 6.46
CA ALA A 82 -8.07 21.51 6.60
C ALA A 82 -7.77 21.05 8.03
N GLN A 83 -8.29 21.79 9.00
CA GLN A 83 -8.01 21.49 10.40
C GLN A 83 -8.69 20.20 10.83
N GLU A 84 -9.92 20.00 10.38
CA GLU A 84 -10.65 18.77 10.66
C GLU A 84 -9.94 17.56 10.04
N ALA A 85 -9.44 17.74 8.82
CA ALA A 85 -8.84 16.63 8.08
C ALA A 85 -7.51 16.21 8.69
N GLU A 86 -6.74 17.20 9.15
CA GLU A 86 -5.46 16.91 9.78
C GLU A 86 -5.65 16.25 11.14
N ARG A 87 -6.66 16.70 11.88
CA ARG A 87 -7.05 16.04 13.13
C ARG A 87 -7.50 14.59 12.88
N SER A 88 -8.37 14.38 11.89
CA SER A 88 -8.81 13.04 11.55
C SER A 88 -7.65 12.12 11.16
N VAL A 89 -6.81 12.59 10.26
CA VAL A 89 -5.66 11.80 9.81
C VAL A 89 -4.74 11.45 10.97
N LYS A 90 -4.43 12.44 11.80
CA LYS A 90 -3.57 12.20 12.94
C LYS A 90 -4.14 11.06 13.77
N ARG A 91 -5.44 11.11 14.04
CA ARG A 91 -6.08 10.13 14.88
C ARG A 91 -6.06 8.75 14.24
N THR A 92 -6.40 8.72 12.95
CA THR A 92 -6.43 7.47 12.20
C THR A 92 -5.05 6.81 12.21
N LEU A 93 -4.01 7.64 12.08
CA LEU A 93 -2.66 7.11 12.05
C LEU A 93 -2.18 6.68 13.43
N LYS A 94 -2.65 7.36 14.47
CA LYS A 94 -2.35 6.91 15.83
C LYS A 94 -2.92 5.52 16.07
N ASP A 95 -4.17 5.31 15.64
CA ASP A 95 -4.82 4.01 15.82
C ASP A 95 -4.08 2.91 15.04
N LEU A 96 -3.78 3.19 13.77
CA LEU A 96 -2.98 2.28 12.94
C LEU A 96 -1.64 1.87 13.57
N ARG A 97 -0.86 2.85 14.01
CA ARG A 97 0.45 2.58 14.60
C ARG A 97 0.37 1.79 15.89
N ARG A 98 -0.55 2.16 16.78
CA ARG A 98 -0.75 1.44 18.03
C ARG A 98 -1.11 -0.02 17.76
N ARG A 99 -2.01 -0.24 16.82
CA ARG A 99 -2.45 -1.59 16.49
C ARG A 99 -1.28 -2.39 15.86
N LEU A 100 -0.50 -1.74 14.99
CA LEU A 100 0.67 -2.37 14.36
C LEU A 100 1.76 -2.69 15.38
N ARG A 101 1.96 -1.80 16.34
CA ARG A 101 2.84 -2.12 17.47
C ARG A 101 2.34 -3.31 18.28
N ARG A 102 1.03 -3.38 18.49
CA ARG A 102 0.47 -4.54 19.19
C ARG A 102 0.67 -5.84 18.40
N SER A 103 0.56 -5.74 17.08
CA SER A 103 0.69 -6.92 16.24
C SER A 103 2.13 -7.45 16.28
N LEU A 104 3.10 -6.53 16.27
CA LEU A 104 4.51 -6.91 16.30
C LEU A 104 4.90 -7.52 17.65
N GLU A 105 4.29 -7.00 18.71
CA GLU A 105 4.44 -7.58 20.04
C GLU A 105 3.93 -9.02 20.07
N SER A 106 2.83 -9.28 19.37
CA SER A 106 2.18 -10.58 19.42
C SER A 106 3.00 -11.63 18.68
N VAL A 107 3.89 -11.18 17.80
CA VAL A 107 4.92 -12.05 17.23
C VAL A 107 6.23 -11.96 18.02
N GLY A 108 6.74 -10.75 18.21
CA GLY A 108 7.39 -10.39 19.47
C GLY A 108 8.88 -10.62 19.47
N ASP A 109 9.29 -11.85 19.78
CA ASP A 109 10.67 -12.13 20.18
C ASP A 109 11.61 -12.16 18.98
N HIS A 110 11.08 -11.85 17.81
CA HIS A 110 11.90 -11.38 16.70
C HIS A 110 11.12 -10.42 15.80
N ALA A 111 10.66 -9.33 16.39
CA ALA A 111 9.91 -8.30 15.67
C ALA A 111 10.82 -7.47 14.77
N GLU A 112 12.10 -7.46 15.11
CA GLU A 112 13.11 -6.79 14.29
C GLU A 112 13.34 -7.54 12.98
N ARG A 113 12.68 -8.68 12.82
CA ARG A 113 12.67 -9.39 11.54
C ARG A 113 11.88 -8.63 10.47
N PHE A 114 11.10 -7.64 10.92
CA PHE A 114 10.30 -6.85 10.01
C PHE A 114 10.84 -5.43 9.96
N ARG A 115 10.94 -4.85 8.78
CA ARG A 115 11.24 -3.43 8.66
C ARG A 115 9.97 -2.65 8.40
N VAL A 116 9.54 -1.87 9.40
CA VAL A 116 8.25 -1.22 9.35
C VAL A 116 8.44 0.29 9.24
N ARG A 117 7.95 0.87 8.15
CA ARG A 117 8.11 2.30 7.92
C ARG A 117 6.80 2.88 7.40
N SER A 118 6.58 4.17 7.63
CA SER A 118 5.52 4.90 6.93
C SER A 118 5.92 5.13 5.46
N LEU A 119 4.93 5.32 4.59
CA LEU A 119 5.24 5.70 3.20
C LEU A 119 5.98 7.04 3.16
N SER A 120 5.58 7.98 4.03
CA SER A 120 6.24 9.28 4.03
C SER A 120 7.72 9.19 4.35
N GLU A 121 8.12 8.28 5.24
CA GLU A 121 9.53 8.08 5.53
C GLU A 121 10.24 7.45 4.32
N LEU A 122 9.59 6.47 3.72
CA LEU A 122 10.14 5.74 2.59
C LEU A 122 10.36 6.71 1.42
N GLN A 123 9.52 7.75 1.34
CA GLN A 123 9.55 8.66 0.22
C GLN A 123 10.81 9.53 0.26
N GLU A 124 11.45 9.58 1.42
CA GLU A 124 12.70 10.34 1.58
C GLU A 124 13.91 9.62 0.97
N THR A 125 13.81 8.31 0.78
CA THR A 125 14.98 7.52 0.43
C THR A 125 15.31 7.69 -1.03
N PRO A 126 16.61 7.72 -1.37
CA PRO A 126 17.05 7.73 -2.75
C PRO A 126 16.45 6.57 -3.56
N GLU A 127 16.38 5.39 -2.94
CA GLU A 127 15.82 4.22 -3.60
C GLU A 127 14.42 4.50 -4.12
N TYR A 128 13.57 5.06 -3.26
CA TYR A 128 12.20 5.36 -3.64
C TYR A 128 12.17 6.44 -4.71
N ARG A 129 12.98 7.48 -4.52
N ARG A 129 13.03 7.44 -4.56
CA ARG A 129 12.95 8.63 -5.42
CA ARG A 129 12.96 8.63 -5.40
C ARG A 129 13.29 8.19 -6.85
C ARG A 129 13.45 8.36 -6.83
N ALA A 130 14.32 7.36 -6.98
CA ALA A 130 14.76 6.93 -8.30
C ALA A 130 13.63 6.19 -9.04
N VAL A 131 12.89 5.36 -8.31
CA VAL A 131 11.79 4.62 -8.90
C VAL A 131 10.66 5.57 -9.25
N ARG A 132 10.38 6.52 -8.36
CA ARG A 132 9.29 7.44 -8.55
C ARG A 132 9.45 8.31 -9.80
N GLU A 133 10.68 8.76 -10.06
CA GLU A 133 11.01 9.36 -11.35
C GLU A 133 10.44 8.51 -12.49
N ARG A 134 10.60 7.19 -12.39
CA ARG A 134 10.24 6.28 -13.49
C ARG A 134 8.74 6.08 -13.58
N THR A 135 8.08 5.88 -12.44
CA THR A 135 6.62 5.71 -12.43
C THR A 135 5.86 6.98 -12.84
N ASP A 136 6.30 8.14 -12.35
CA ASP A 136 5.75 9.42 -12.81
C ASP A 136 5.82 9.56 -14.31
N ARG A 137 7.01 9.39 -14.88
CA ARG A 137 7.20 9.38 -16.33
C ARG A 137 6.32 8.38 -17.06
N ALA A 138 6.31 7.13 -16.57
CA ALA A 138 5.43 6.11 -17.14
C ALA A 138 3.98 6.55 -17.16
N PHE A 139 3.54 7.24 -16.10
CA PHE A 139 2.15 7.66 -16.02
C PHE A 139 1.79 8.69 -17.09
N GLU A 140 2.76 9.52 -17.45
CA GLU A 140 2.51 10.56 -18.44
C GLU A 140 2.61 10.00 -19.85
N GLU A 141 3.34 8.90 -20.00
CA GLU A 141 3.91 8.54 -21.30
C GLU A 141 3.41 7.18 -21.78
N ASP A 142 2.82 6.41 -20.86
CA ASP A 142 2.34 5.08 -21.18
C ASP A 142 0.84 4.99 -20.97
N ALA A 143 0.10 4.75 -22.05
CA ALA A 143 -1.36 4.79 -22.01
C ALA A 143 -1.96 3.68 -21.17
N GLU A 144 -1.41 2.47 -21.28
CA GLU A 144 -1.88 1.34 -20.48
C GLU A 144 -1.71 1.62 -18.97
N PHE A 145 -0.52 2.05 -18.59
CA PHE A 145 -0.16 2.22 -17.18
C PHE A 145 -1.03 3.31 -16.57
N ALA A 146 -1.31 4.35 -17.36
CA ALA A 146 -2.08 5.49 -16.89
C ALA A 146 -3.53 5.09 -16.66
N THR A 147 -4.10 4.33 -17.58
CA THR A 147 -5.44 3.78 -17.40
C THR A 147 -5.53 2.88 -16.18
N ALA A 148 -4.52 2.05 -15.99
CA ALA A 148 -4.44 1.12 -14.86
C ALA A 148 -4.37 1.86 -13.53
N CYS A 149 -3.48 2.84 -13.45
CA CYS A 149 -3.43 3.72 -12.29
C CYS A 149 -4.76 4.39 -12.06
N GLU A 150 -5.39 4.86 -13.12
CA GLU A 150 -6.64 5.59 -13.01
C GLU A 150 -7.76 4.69 -12.51
N ASP A 151 -7.78 3.45 -12.99
CA ASP A 151 -8.72 2.47 -12.47
C ASP A 151 -8.53 2.25 -10.98
N MET A 152 -7.27 2.19 -10.56
CA MET A 152 -6.93 2.10 -9.15
C MET A 152 -7.41 3.34 -8.38
N VAL A 153 -7.20 4.52 -8.96
CA VAL A 153 -7.72 5.75 -8.35
C VAL A 153 -9.23 5.63 -8.06
N ARG A 154 -9.97 5.15 -9.04
CA ARG A 154 -11.42 5.00 -8.86
C ARG A 154 -11.75 4.01 -7.76
N ALA A 155 -10.99 2.92 -7.68
CA ALA A 155 -11.19 1.96 -6.60
C ALA A 155 -10.90 2.57 -5.24
N VAL A 156 -9.82 3.35 -5.13
CA VAL A 156 -9.51 4.04 -3.90
C VAL A 156 -10.64 5.00 -3.52
N VAL A 157 -11.09 5.80 -4.49
CA VAL A 157 -12.12 6.79 -4.23
C VAL A 157 -13.41 6.08 -3.81
N MET A 158 -13.82 5.09 -4.58
CA MET A 158 -15.14 4.50 -4.42
C MET A 158 -15.20 3.71 -3.12
N ASN A 159 -14.05 3.49 -2.52
CA ASN A 159 -13.97 2.64 -1.33
C ASN A 159 -13.43 3.39 -0.12
N ARG A 160 -13.40 4.72 -0.22
CA ARG A 160 -12.82 5.56 0.83
C ARG A 160 -13.64 5.54 2.11
N PRO A 161 -12.97 5.77 3.24
CA PRO A 161 -13.60 5.98 4.55
C PRO A 161 -14.70 7.04 4.49
N GLY A 162 -15.71 6.91 5.34
CA GLY A 162 -16.57 8.03 5.70
C GLY A 162 -17.86 8.08 4.90
N ASP A 163 -18.61 9.17 5.05
CA ASP A 163 -20.02 9.20 4.66
C ASP A 163 -20.21 9.84 3.29
N GLY A 164 -19.11 10.09 2.60
CA GLY A 164 -19.17 10.61 1.23
C GLY A 164 -19.74 9.58 0.28
N VAL A 165 -20.51 10.03 -0.70
CA VAL A 165 -20.98 9.16 -1.77
C VAL A 165 -20.46 9.60 -3.13
N GLY A 166 -20.70 10.86 -3.46
CA GLY A 166 -20.44 11.37 -4.79
C GLY A 166 -18.95 11.55 -5.04
N ILE A 167 -18.52 11.30 -6.27
CA ILE A 167 -17.17 11.64 -6.74
C ILE A 167 -17.15 13.04 -7.36
N SER A 168 -16.07 13.77 -7.15
CA SER A 168 -15.79 14.95 -7.97
C SER A 168 -14.37 14.92 -8.55
N ALA A 169 -14.08 15.90 -9.40
CA ALA A 169 -12.72 16.13 -9.85
C ALA A 169 -11.71 16.21 -8.71
N GLU A 170 -12.13 16.76 -7.57
CA GLU A 170 -11.24 16.88 -6.41
C GLU A 170 -10.92 15.54 -5.74
N HIS A 171 -11.87 14.61 -5.74
CA HIS A 171 -11.63 13.25 -5.25
C HIS A 171 -10.63 12.52 -6.12
N LEU A 172 -10.78 12.68 -7.43
CA LEU A 172 -9.92 12.02 -8.40
C LEU A 172 -8.49 12.54 -8.29
N ARG A 173 -8.34 13.84 -8.08
CA ARG A 173 -7.03 14.45 -7.90
C ARG A 173 -6.38 13.95 -6.62
N ALA A 174 -7.12 14.01 -5.52
CA ALA A 174 -6.68 13.40 -4.27
C ALA A 174 -6.27 11.94 -4.47
N GLY A 175 -7.10 11.18 -5.17
CA GLY A 175 -6.85 9.76 -5.35
C GLY A 175 -5.61 9.51 -6.20
N LEU A 176 -5.44 10.35 -7.21
CA LEU A 176 -4.28 10.25 -8.08
C LEU A 176 -2.99 10.49 -7.33
N ASN A 177 -2.95 11.57 -6.55
CA ASN A 177 -1.79 11.85 -5.69
C ASN A 177 -1.45 10.66 -4.82
N TYR A 178 -2.49 10.10 -4.22
CA TYR A 178 -2.38 8.96 -3.32
C TYR A 178 -1.80 7.75 -4.07
N VAL A 179 -2.33 7.48 -5.26
CA VAL A 179 -1.96 6.27 -5.97
C VAL A 179 -0.56 6.40 -6.59
N LEU A 180 -0.24 7.57 -7.12
CA LEU A 180 1.10 7.82 -7.64
C LEU A 180 2.21 7.72 -6.58
N ALA A 181 1.91 8.12 -5.34
CA ALA A 181 2.82 7.90 -4.23
C ALA A 181 3.09 6.40 -3.96
N GLU A 182 2.08 5.57 -4.17
CA GLU A 182 2.17 4.13 -3.91
C GLU A 182 2.84 3.38 -5.06
N ALA A 183 2.85 4.00 -6.23
CA ALA A 183 3.18 3.30 -7.48
C ALA A 183 4.59 2.71 -7.52
N PRO A 184 5.60 3.43 -7.00
CA PRO A 184 6.94 2.84 -6.90
C PRO A 184 6.92 1.47 -6.23
N LEU A 185 6.05 1.31 -5.24
CA LEU A 185 5.97 0.05 -4.49
C LEU A 185 5.27 -1.05 -5.29
N PHE A 186 4.23 -0.70 -6.05
CA PHE A 186 3.56 -1.71 -6.84
C PHE A 186 4.14 -1.97 -8.23
N ALA A 187 5.00 -1.07 -8.69
CA ALA A 187 5.66 -1.26 -9.98
C ALA A 187 7.07 -1.82 -9.83
N ASP A 188 7.75 -1.49 -8.74
CA ASP A 188 9.18 -1.72 -8.69
C ASP A 188 9.69 -1.83 -7.26
N SER A 189 9.10 -2.74 -6.49
CA SER A 189 9.63 -3.07 -5.16
C SER A 189 11.09 -3.56 -5.16
N PRO A 190 11.50 -4.30 -6.20
CA PRO A 190 12.92 -4.66 -6.19
C PRO A 190 13.80 -3.42 -6.08
N GLY A 191 13.48 -2.38 -6.84
CA GLY A 191 14.30 -1.17 -6.84
C GLY A 191 14.09 -0.32 -5.60
N VAL A 192 12.86 -0.26 -5.11
CA VAL A 192 12.57 0.49 -3.88
C VAL A 192 13.28 -0.08 -2.64
N PHE A 193 13.31 -1.41 -2.53
CA PHE A 193 13.79 -2.06 -1.32
C PHE A 193 15.16 -2.71 -1.54
N SER A 194 15.70 -2.53 -2.75
CA SER A 194 17.01 -3.10 -3.13
C SER A 194 17.11 -4.61 -2.90
N VAL A 195 16.21 -5.35 -3.53
CA VAL A 195 16.23 -6.80 -3.44
C VAL A 195 15.98 -7.35 -4.83
N PRO A 196 16.44 -8.58 -5.08
CA PRO A 196 16.39 -9.10 -6.45
C PRO A 196 14.94 -9.40 -6.86
N SER A 197 14.11 -9.79 -5.91
CA SER A 197 12.69 -10.02 -6.18
C SER A 197 11.87 -9.62 -4.97
N SER A 198 10.61 -9.26 -5.22
CA SER A 198 9.73 -8.85 -4.13
C SER A 198 8.31 -9.32 -4.39
N VAL A 199 7.69 -9.87 -3.36
CA VAL A 199 6.30 -10.29 -3.45
C VAL A 199 5.42 -9.28 -2.71
N LEU A 200 4.58 -8.59 -3.45
CA LEU A 200 3.56 -7.75 -2.87
C LEU A 200 2.36 -8.60 -2.40
N CYS A 201 2.12 -8.64 -1.09
CA CYS A 201 0.99 -9.39 -0.56
C CYS A 201 -0.25 -8.53 -0.55
N TYR A 202 -1.31 -9.00 -1.20
CA TYR A 202 -2.54 -8.22 -1.28
C TYR A 202 -3.76 -9.07 -0.92
N HIS A 203 -4.80 -8.40 -0.41
CA HIS A 203 -6.10 -9.05 -0.18
C HIS A 203 -7.03 -8.79 -1.36
N ILE A 204 -7.99 -9.70 -1.59
CA ILE A 204 -8.97 -9.51 -2.67
C ILE A 204 -9.80 -8.26 -2.44
N ASP A 205 -10.28 -7.65 -3.51
CA ASP A 205 -11.26 -6.58 -3.41
C ASP A 205 -10.61 -5.28 -2.97
N THR A 206 -9.29 -5.23 -2.98
CA THR A 206 -8.60 -3.98 -2.66
C THR A 206 -8.18 -3.24 -3.91
N PRO A 207 -7.87 -1.94 -3.77
CA PRO A 207 -7.64 -1.13 -4.98
C PRO A 207 -6.52 -1.64 -5.90
N ILE A 208 -5.47 -2.23 -5.34
CA ILE A 208 -4.39 -2.79 -6.17
C ILE A 208 -4.92 -3.83 -7.17
N THR A 209 -6.00 -4.52 -6.82
CA THR A 209 -6.56 -5.52 -7.71
C THR A 209 -7.20 -4.89 -8.95
N ALA A 210 -7.56 -3.61 -8.83
CA ALA A 210 -8.03 -2.86 -10.00
C ALA A 210 -6.88 -2.54 -10.97
N PHE A 211 -5.72 -2.17 -10.42
CA PHE A 211 -4.51 -2.02 -11.22
C PHE A 211 -4.15 -3.34 -11.91
N LEU A 212 -4.17 -4.43 -11.16
CA LEU A 212 -3.67 -5.72 -11.64
C LEU A 212 -4.57 -6.29 -12.75
N SER A 213 -5.82 -5.87 -12.79
CA SER A 213 -6.74 -6.46 -13.76
C SER A 213 -6.81 -5.70 -15.09
N ARG A 214 -6.10 -4.57 -15.18
CA ARG A 214 -6.27 -3.69 -16.33
C ARG A 214 -5.65 -4.25 -17.61
N ARG A 215 -6.21 -3.85 -18.75
CA ARG A 215 -6.04 -4.58 -20.01
C ARG A 215 -4.57 -4.79 -20.33
N GLU A 216 -4.25 -5.94 -20.94
CA GLU A 216 -2.87 -6.26 -21.32
C GLU A 216 -2.48 -5.49 -22.57
N GLY A 218 1.16 -4.96 -23.38
CA GLY A 218 2.40 -5.69 -23.15
C GLY A 218 3.30 -5.06 -22.09
N PHE A 219 2.72 -4.21 -21.24
CA PHE A 219 3.47 -3.59 -20.14
C PHE A 219 3.91 -4.60 -19.07
N ARG A 220 5.03 -4.31 -18.41
CA ARG A 220 5.52 -5.14 -17.31
C ARG A 220 6.09 -4.29 -16.17
N ALA A 221 5.63 -4.56 -14.96
CA ALA A 221 6.39 -4.23 -13.75
C ALA A 221 7.86 -4.66 -13.85
N ALA A 222 8.69 -4.16 -12.94
CA ALA A 222 10.11 -4.55 -12.93
C ALA A 222 10.23 -6.07 -12.85
N GLU A 223 11.23 -6.64 -13.53
CA GLU A 223 11.68 -7.98 -13.24
C GLU A 223 11.81 -8.23 -11.74
N GLY A 224 11.28 -9.35 -11.28
CA GLY A 224 11.37 -9.72 -9.88
C GLY A 224 10.13 -9.31 -9.12
N GLN A 225 9.31 -8.43 -9.71
CA GLN A 225 8.10 -7.98 -9.01
C GLN A 225 7.03 -9.06 -9.11
N ALA A 226 6.47 -9.47 -7.97
CA ALA A 226 5.34 -10.42 -7.99
C ALA A 226 4.22 -9.94 -7.06
N TYR A 227 3.03 -10.53 -7.23
CA TYR A 227 1.85 -10.10 -6.50
C TYR A 227 1.12 -11.35 -6.03
N VAL A 228 1.11 -11.59 -4.72
CA VAL A 228 0.61 -12.85 -4.18
C VAL A 228 -0.62 -12.58 -3.33
N VAL A 229 -1.75 -13.15 -3.75
CA VAL A 229 -3.01 -12.92 -3.03
C VAL A 229 -2.99 -13.67 -1.70
N VAL A 230 -3.36 -13.00 -0.62
CA VAL A 230 -3.37 -13.65 0.68
C VAL A 230 -4.81 -13.75 1.16
N ARG A 231 -5.28 -14.98 1.36
CA ARG A 231 -6.66 -15.20 1.80
C ARG A 231 -6.68 -15.73 3.22
N PRO A 232 -7.41 -15.04 4.11
CA PRO A 232 -7.26 -15.29 5.55
C PRO A 232 -7.49 -16.75 5.91
N GLN A 233 -8.41 -17.41 5.22
CA GLN A 233 -8.70 -18.80 5.54
C GLN A 233 -7.61 -19.74 5.01
N GLU A 234 -6.91 -19.30 3.97
CA GLU A 234 -5.75 -20.04 3.48
C GLU A 234 -4.53 -19.84 4.37
N LEU A 235 -4.40 -18.63 4.93
CA LEU A 235 -3.46 -18.41 6.02
C LEU A 235 -3.72 -19.40 7.15
N ALA A 236 -4.92 -19.33 7.73
CA ALA A 236 -5.28 -20.17 8.86
C ALA A 236 -5.18 -21.64 8.47
N ASP A 237 -5.57 -21.93 7.23
CA ASP A 237 -5.39 -23.25 6.63
C ASP A 237 -3.94 -23.75 6.74
N ALA A 238 -2.98 -22.87 6.48
CA ALA A 238 -1.57 -23.26 6.45
C ALA A 238 -0.97 -23.25 7.84
N ALA A 239 -1.55 -22.45 8.73
CA ALA A 239 -1.08 -22.34 10.11
C ALA A 239 -2.06 -23.01 11.07
#